data_6Q4V
#
_entry.id   6Q4V
#
_cell.length_a   109.482
_cell.length_b   109.482
_cell.length_c   91.255
_cell.angle_alpha   90.00
_cell.angle_beta   90.00
_cell.angle_gamma   120.00
#
_symmetry.space_group_name_H-M   'P 31 2 1'
#
loop_
_entity.id
_entity.type
_entity.pdbx_description
1 polymer 'DNA polymerase I, thermostable'
2 polymer "DNA (5'-D(*GP*AP*CP*CP*AP*CP*GP*GP*CP*CP*AP*(DOC))-3')"
3 polymer "DNA (5'-D(*AP*AP*CP*TP*GP*TP*GP*GP*CP*CP*GP*TP*GP*GP*TP*C)-3')"
4 non-polymer "2'-DEOXYADENOSINE 5'-TRIPHOSPHATE"
5 non-polymer 'MAGNESIUM ION'
6 non-polymer 'MANGANESE (II) ION'
7 non-polymer 1,2-ETHANEDIOL
8 water water
#
loop_
_entity_poly.entity_id
_entity_poly.type
_entity_poly.pdbx_seq_one_letter_code
_entity_poly.pdbx_strand_id
1 'polypeptide(L)'
;MALEEAPWPPPEGAFVGFVLSRKEPMWADLLALAAARGGRVHRAPEPYKALRDLKEARGLLAKDLSVLALREGLGLPPGD
DPMLLAYLLDPSNTTPEGVARRYGGEWTEEAGERAALSERLFANLWGRLEGEERLLWLYREVERPLSAVLAHMEATGVRL
DVAYLRALSLEVAEEIARLEAEVFRLAGHPFNLNSRDQLERVLFDELGLPAIGKTEKTGKRSTSAAVLEALREAHPIVEK
ILQYRELTKLKSTYIDPLPDLIHPRTGRLHTRFNQTATATGRLSSSDPNLQNIPVRTPLGQRIRRAFIAEEGWLLVALDY
SQIELRVLAHLSGDENLIRVFQEGRDIHTETASWMFGVPREAVDPLMRRAAKTINFGVLYGMSAHRLSQELAIPYEEAQA
FIERYFQSFPKVRAWIEKTLEEGRRRGYVETLFGRRRYVPDLEARVKSVREAAERMAFNMPVQGTAADLMKLAMVKLFPR
LEEMGARMLLQVHDELVLEAPKERAEAVARLAKEVMEGVYPLAVPLEVEVGIGEDWLSAKE
;
A
2 'polydeoxyribonucleotide' (DG)(DA)(DC)(DC)(DA)(DC)(DG)(DG)(DC)(DC)(DA)(DOC) B
3 'polydeoxyribonucleotide' (DA)(DA)(DC)(DT)(DG)(DT)(DG)(DG)(DC)(DC)(DG)(DT)(DG)(DG)(DT)(DC) C
#
loop_
_chem_comp.id
_chem_comp.type
_chem_comp.name
_chem_comp.formula
DA DNA linking 2'-DEOXYADENOSINE-5'-MONOPHOSPHATE 'C10 H14 N5 O6 P'
DC DNA linking 2'-DEOXYCYTIDINE-5'-MONOPHOSPHATE 'C9 H14 N3 O7 P'
DG DNA linking 2'-DEOXYGUANOSINE-5'-MONOPHOSPHATE 'C10 H14 N5 O7 P'
DOC DNA linking 2',3'-DIDEOXYCYTIDINE-5'-MONOPHOSPHATE 'C9 H14 N3 O6 P'
DT DNA linking THYMIDINE-5'-MONOPHOSPHATE 'C10 H15 N2 O8 P'
DTP non-polymer '2'-DEOXYADENOSINE 5'-TRIPHOSPHATE' 'C10 H16 N5 O12 P3'
EDO non-polymer 1,2-ETHANEDIOL 'C2 H6 O2'
MG non-polymer 'MAGNESIUM ION' 'Mg 2'
MN non-polymer 'MANGANESE (II) ION' 'Mn 2'
#
# COMPACT_ATOMS: atom_id res chain seq x y z
N LEU A 3 23.70 -8.62 30.34
CA LEU A 3 22.85 -8.70 31.52
C LEU A 3 23.13 -9.98 32.30
N GLU A 4 22.43 -10.14 33.43
CA GLU A 4 22.49 -11.35 34.22
C GLU A 4 21.51 -12.37 33.66
N GLU A 5 22.00 -13.56 33.34
CA GLU A 5 21.17 -14.58 32.72
C GLU A 5 20.31 -15.26 33.77
N ALA A 6 18.99 -15.17 33.59
CA ALA A 6 18.01 -15.75 34.50
C ALA A 6 17.23 -16.86 33.82
N PRO A 7 16.55 -17.71 34.59
CA PRO A 7 15.87 -18.86 33.98
C PRO A 7 14.49 -18.50 33.43
N TRP A 8 14.09 -19.25 32.41
CA TRP A 8 12.75 -19.14 31.87
C TRP A 8 11.75 -19.73 32.87
N PRO A 9 10.55 -19.14 33.01
CA PRO A 9 9.97 -18.02 32.26
C PRO A 9 10.31 -16.64 32.80
N PRO A 10 9.99 -15.60 32.04
CA PRO A 10 10.23 -14.23 32.48
C PRO A 10 9.04 -13.69 33.24
N PRO A 11 9.22 -12.63 34.02
CA PRO A 11 8.09 -11.99 34.68
C PRO A 11 7.23 -11.23 33.67
N GLU A 12 6.00 -10.92 34.10
CA GLU A 12 5.08 -10.21 33.23
C GLU A 12 5.66 -8.86 32.82
N GLY A 13 5.38 -8.45 31.58
CA GLY A 13 5.84 -7.18 31.07
C GLY A 13 7.20 -7.20 30.43
N ALA A 14 7.81 -8.36 30.26
CA ALA A 14 9.14 -8.44 29.69
C ALA A 14 9.10 -8.19 28.18
N PHE A 15 10.25 -7.75 27.64
CA PHE A 15 10.40 -7.53 26.21
C PHE A 15 10.92 -8.79 25.54
N VAL A 16 10.37 -9.12 24.39
CA VAL A 16 10.66 -10.38 23.71
C VAL A 16 11.72 -10.15 22.64
N GLY A 17 12.56 -11.16 22.46
CA GLY A 17 13.40 -11.25 21.29
C GLY A 17 13.26 -12.63 20.67
N PHE A 18 13.29 -12.69 19.34
CA PHE A 18 13.06 -13.94 18.65
C PHE A 18 13.81 -13.94 17.32
N VAL A 19 14.07 -15.14 16.83
CA VAL A 19 14.79 -15.35 15.57
C VAL A 19 13.99 -16.32 14.71
N LEU A 20 13.77 -15.95 13.45
CA LEU A 20 12.99 -16.74 12.52
C LEU A 20 13.87 -17.28 11.41
N SER A 21 13.50 -18.46 10.90
CA SER A 21 14.23 -19.05 9.79
C SER A 21 14.12 -18.22 8.52
N ARG A 22 13.10 -17.36 8.44
CA ARG A 22 12.88 -16.54 7.26
C ARG A 22 11.92 -15.42 7.64
N LYS A 23 11.87 -14.39 6.79
CA LYS A 23 11.16 -13.17 7.16
C LYS A 23 9.66 -13.37 7.33
N GLU A 24 9.07 -14.29 6.57
CA GLU A 24 7.61 -14.46 6.57
C GLU A 24 7.15 -15.23 7.81
N PRO A 25 6.42 -14.60 8.73
CA PRO A 25 6.04 -15.33 9.96
C PRO A 25 5.15 -16.55 9.74
N MET A 26 4.28 -16.53 8.73
CA MET A 26 3.41 -17.68 8.49
C MET A 26 4.19 -18.89 7.97
N TRP A 27 5.41 -18.68 7.47
CA TRP A 27 6.21 -19.75 6.92
C TRP A 27 7.46 -20.06 7.75
N ALA A 28 7.69 -19.32 8.82
CA ALA A 28 8.98 -19.35 9.51
C ALA A 28 9.02 -20.39 10.62
N ASP A 29 10.17 -21.02 10.76
CA ASP A 29 10.49 -21.81 11.94
C ASP A 29 10.97 -20.89 13.04
N LEU A 30 10.38 -21.00 14.22
CA LEU A 30 10.80 -20.20 15.37
C LEU A 30 12.08 -20.81 15.93
N LEU A 31 13.23 -20.24 15.56
CA LEU A 31 14.51 -20.82 15.94
C LEU A 31 14.84 -20.56 17.40
N ALA A 32 14.56 -19.36 17.91
CA ALA A 32 14.93 -19.01 19.27
C ALA A 32 13.99 -17.93 19.80
N LEU A 33 13.89 -17.89 21.13
CA LEU A 33 13.00 -16.96 21.82
C LEU A 33 13.64 -16.58 23.14
N ALA A 34 13.55 -15.29 23.49
CA ALA A 34 14.15 -14.80 24.72
C ALA A 34 13.32 -13.63 25.24
N ALA A 35 13.58 -13.23 26.49
CA ALA A 35 12.87 -12.14 27.11
C ALA A 35 13.80 -11.41 28.06
N ALA A 36 13.56 -10.11 28.22
CA ALA A 36 14.43 -9.26 29.05
C ALA A 36 13.58 -8.35 29.92
N ARG A 37 14.02 -8.15 31.16
CA ARG A 37 13.37 -7.24 32.09
C ARG A 37 14.14 -7.15 33.40
N GLY A 38 14.05 -6.02 34.08
CA GLY A 38 14.70 -5.86 35.38
C GLY A 38 16.19 -6.15 35.34
N GLY A 39 16.85 -5.79 34.25
CA GLY A 39 18.28 -6.02 34.13
C GLY A 39 18.66 -7.48 34.03
N ARG A 40 17.79 -8.32 33.48
CA ARG A 40 18.08 -9.73 33.31
C ARG A 40 17.54 -10.20 31.96
N VAL A 41 17.99 -11.38 31.54
CA VAL A 41 17.64 -11.96 30.26
C VAL A 41 17.24 -13.42 30.48
N HIS A 42 16.12 -13.82 29.88
CA HIS A 42 15.63 -15.19 29.97
C HIS A 42 15.64 -15.79 28.57
N ARG A 43 16.34 -16.91 28.40
CA ARG A 43 16.41 -17.61 27.13
C ARG A 43 15.66 -18.93 27.24
N ALA A 44 14.77 -19.18 26.29
CA ALA A 44 13.88 -20.33 26.38
C ALA A 44 14.57 -21.60 25.88
N PRO A 45 14.46 -22.72 26.60
CA PRO A 45 15.06 -23.96 26.07
C PRO A 45 14.41 -24.42 24.77
N GLU A 46 13.09 -24.49 24.73
CA GLU A 46 12.36 -24.83 23.52
C GLU A 46 11.46 -23.66 23.16
N PRO A 47 11.74 -22.93 22.07
CA PRO A 47 10.97 -21.70 21.82
C PRO A 47 9.48 -21.91 21.60
N TYR A 48 9.07 -22.97 20.91
CA TYR A 48 7.65 -23.17 20.62
C TYR A 48 6.87 -23.35 21.91
N LYS A 49 7.36 -24.21 22.80
CA LYS A 49 6.70 -24.43 24.09
C LYS A 49 6.68 -23.14 24.92
N ALA A 50 7.76 -22.36 24.86
CA ALA A 50 7.86 -21.17 25.68
C ALA A 50 6.89 -20.07 25.26
N LEU A 51 6.34 -20.14 24.05
CA LEU A 51 5.34 -19.16 23.64
C LEU A 51 4.13 -19.19 24.55
N ARG A 52 3.74 -20.39 25.02
CA ARG A 52 2.55 -20.53 25.85
C ARG A 52 2.63 -19.70 27.11
N ASP A 53 3.83 -19.35 27.57
CA ASP A 53 3.99 -18.64 28.83
C ASP A 53 3.79 -17.13 28.69
N LEU A 54 3.87 -16.59 27.48
CA LEU A 54 3.77 -15.16 27.27
C LEU A 54 2.31 -14.75 27.12
N LYS A 55 1.96 -13.63 27.78
CA LYS A 55 0.65 -13.05 27.67
C LYS A 55 0.59 -11.94 26.61
N GLU A 56 1.72 -11.60 26.00
CA GLU A 56 1.80 -10.43 25.13
C GLU A 56 3.16 -10.42 24.45
N ALA A 57 3.16 -10.13 23.15
CA ALA A 57 4.41 -9.94 22.41
C ALA A 57 4.78 -8.47 22.50
N ARG A 58 5.88 -8.19 23.21
CA ARG A 58 6.29 -6.83 23.51
C ARG A 58 7.75 -6.66 23.10
N GLY A 59 7.99 -5.90 22.04
CA GLY A 59 9.34 -5.64 21.59
C GLY A 59 9.38 -5.42 20.09
N LEU A 60 10.61 -5.46 19.55
CA LEU A 60 10.81 -5.22 18.13
C LEU A 60 10.08 -6.26 17.29
N LEU A 61 9.39 -5.79 16.24
CA LEU A 61 8.65 -6.66 15.33
C LEU A 61 7.67 -7.54 16.10
N ALA A 62 6.99 -6.96 17.08
CA ALA A 62 6.04 -7.71 17.90
C ALA A 62 4.99 -8.40 17.03
N LYS A 63 4.46 -7.70 16.02
CA LYS A 63 3.41 -8.29 15.20
C LYS A 63 3.86 -9.60 14.57
N ASP A 64 5.10 -9.65 14.06
CA ASP A 64 5.58 -10.85 13.39
C ASP A 64 5.49 -12.07 14.31
N LEU A 65 5.90 -11.91 15.57
CA LEU A 65 5.82 -13.03 16.50
C LEU A 65 4.38 -13.36 16.85
N SER A 66 3.51 -12.35 16.93
CA SER A 66 2.10 -12.61 17.20
C SER A 66 1.46 -13.40 16.07
N VAL A 67 1.83 -13.09 14.81
CA VAL A 67 1.29 -13.84 13.68
C VAL A 67 1.67 -15.30 13.78
N LEU A 68 2.93 -15.58 14.11
CA LEU A 68 3.37 -16.97 14.23
C LEU A 68 2.66 -17.67 15.38
N ALA A 69 2.35 -16.96 16.46
CA ALA A 69 1.60 -17.57 17.56
C ALA A 69 0.18 -17.91 17.13
N LEU A 70 -0.48 -17.01 16.42
CA LEU A 70 -1.81 -17.31 15.88
C LEU A 70 -1.77 -18.52 14.97
N ARG A 71 -0.71 -18.65 14.17
CA ARG A 71 -0.55 -19.83 13.32
C ARG A 71 -0.55 -21.11 14.14
N GLU A 72 -0.03 -21.06 15.37
CA GLU A 72 0.03 -22.22 16.25
C GLU A 72 -1.18 -22.33 17.17
N GLY A 73 -2.22 -21.53 16.94
CA GLY A 73 -3.41 -21.59 17.78
C GLY A 73 -3.27 -20.90 19.12
N LEU A 74 -2.38 -19.93 19.25
CA LEU A 74 -2.18 -19.20 20.48
C LEU A 74 -2.58 -17.74 20.30
N GLY A 75 -3.32 -17.20 21.26
CA GLY A 75 -3.68 -15.80 21.24
C GLY A 75 -2.65 -14.97 22.00
N LEU A 76 -1.59 -14.57 21.31
CA LEU A 76 -0.50 -13.79 21.90
C LEU A 76 -0.50 -12.42 21.22
N PRO A 77 -1.28 -11.47 21.71
CA PRO A 77 -1.43 -10.21 20.98
C PRO A 77 -0.17 -9.37 21.09
N PRO A 78 0.14 -8.57 20.08
CA PRO A 78 1.32 -7.69 20.16
C PRO A 78 1.03 -6.44 20.96
N GLY A 79 2.04 -6.02 21.72
CA GLY A 79 1.96 -4.79 22.49
C GLY A 79 2.95 -3.76 22.02
N ASP A 80 3.71 -3.19 22.95
CA ASP A 80 4.69 -2.16 22.59
C ASP A 80 5.70 -2.70 21.59
N ASP A 81 6.09 -1.86 20.64
CA ASP A 81 7.11 -2.18 19.66
C ASP A 81 7.93 -0.93 19.36
N PRO A 82 9.20 -0.89 19.75
CA PRO A 82 10.00 0.32 19.49
C PRO A 82 10.03 0.74 18.03
N MET A 83 9.80 -0.18 17.09
CA MET A 83 9.75 0.20 15.68
C MET A 83 8.63 1.21 15.45
N LEU A 84 7.50 1.04 16.13
CA LEU A 84 6.37 1.96 15.94
C LEU A 84 6.67 3.33 16.53
N LEU A 85 7.34 3.38 17.68
CA LEU A 85 7.75 4.65 18.25
C LEU A 85 8.71 5.38 17.32
N ALA A 86 9.73 4.66 16.82
CA ALA A 86 10.69 5.27 15.91
C ALA A 86 10.01 5.74 14.63
N TYR A 87 9.06 4.95 14.13
CA TYR A 87 8.39 5.29 12.87
C TYR A 87 7.61 6.58 12.98
N LEU A 88 6.94 6.80 14.13
CA LEU A 88 6.19 8.04 14.33
C LEU A 88 7.11 9.23 14.51
N LEU A 89 8.26 9.03 15.15
CA LEU A 89 9.23 10.12 15.29
C LEU A 89 9.75 10.57 13.93
N ASP A 90 10.02 9.62 13.05
CA ASP A 90 10.55 9.88 11.71
C ASP A 90 10.23 8.68 10.84
N PRO A 91 9.32 8.79 9.87
CA PRO A 91 8.95 7.60 9.09
C PRO A 91 10.07 7.04 8.23
N SER A 92 11.22 7.71 8.15
CA SER A 92 12.38 7.09 7.54
C SER A 92 12.97 5.98 8.41
N ASN A 93 12.46 5.81 9.62
CA ASN A 93 12.85 4.71 10.51
C ASN A 93 12.01 3.49 10.14
N THR A 94 12.55 2.67 9.25
CA THR A 94 11.80 1.55 8.68
C THR A 94 12.33 0.17 9.03
N THR A 95 13.59 0.05 9.45
CA THR A 95 14.19 -1.24 9.69
C THR A 95 14.78 -1.29 11.10
N PRO A 96 14.87 -2.48 11.70
CA PRO A 96 15.55 -2.58 12.99
C PRO A 96 17.04 -2.31 12.90
N GLU A 97 17.68 -2.63 11.76
CA GLU A 97 19.08 -2.31 11.58
C GLU A 97 19.34 -0.84 11.84
N GLY A 98 18.57 0.04 11.19
CA GLY A 98 18.79 1.47 11.34
C GLY A 98 18.38 1.99 12.69
N VAL A 99 17.20 1.57 13.17
CA VAL A 99 16.69 2.07 14.45
C VAL A 99 17.69 1.76 15.57
N ALA A 100 18.19 0.52 15.62
CA ALA A 100 19.16 0.15 16.64
C ALA A 100 20.39 1.04 16.57
N ARG A 101 20.97 1.19 15.39
CA ARG A 101 22.17 2.01 15.24
C ARG A 101 21.90 3.47 15.56
N ARG A 102 20.66 3.93 15.45
CA ARG A 102 20.34 5.34 15.66
C ARG A 102 20.00 5.67 17.10
N TYR A 103 19.56 4.69 17.90
CA TYR A 103 19.02 4.98 19.22
C TYR A 103 19.62 4.14 20.34
N GLY A 104 20.72 3.45 20.10
CA GLY A 104 21.53 2.92 21.19
C GLY A 104 21.75 1.43 21.26
N GLY A 105 21.88 0.78 20.11
CA GLY A 105 22.20 -0.64 20.12
C GLY A 105 22.60 -1.15 18.76
N GLU A 106 22.59 -2.48 18.64
CA GLU A 106 22.93 -3.15 17.40
C GLU A 106 22.00 -4.34 17.21
N TRP A 107 21.43 -4.46 16.02
CA TRP A 107 20.48 -5.53 15.69
C TRP A 107 21.26 -6.74 15.20
N THR A 108 21.37 -7.76 16.05
CA THR A 108 22.15 -8.95 15.72
C THR A 108 21.24 -10.07 15.26
N GLU A 109 21.63 -11.32 15.49
CA GLU A 109 20.87 -12.49 15.04
C GLU A 109 20.64 -13.47 16.18
N GLU A 110 20.60 -12.97 17.42
CA GLU A 110 20.44 -13.81 18.60
C GLU A 110 19.28 -13.26 19.43
N ALA A 111 18.37 -14.15 19.82
CA ALA A 111 17.13 -13.72 20.46
C ALA A 111 17.40 -12.92 21.73
N GLY A 112 18.32 -13.41 22.58
CA GLY A 112 18.60 -12.71 23.82
C GLY A 112 19.04 -11.27 23.59
N GLU A 113 19.99 -11.08 22.66
CA GLU A 113 20.45 -9.73 22.36
C GLU A 113 19.32 -8.88 21.79
N ARG A 114 18.46 -9.48 20.96
CA ARG A 114 17.31 -8.74 20.45
C ARG A 114 16.32 -8.40 21.56
N ALA A 115 16.20 -9.25 22.58
CA ALA A 115 15.32 -8.94 23.70
C ALA A 115 15.87 -7.77 24.50
N ALA A 116 17.16 -7.80 24.84
CA ALA A 116 17.76 -6.70 25.58
C ALA A 116 17.77 -5.42 24.77
N LEU A 117 17.92 -5.53 23.45
CA LEU A 117 17.85 -4.35 22.59
C LEU A 117 16.45 -3.76 22.59
N SER A 118 15.42 -4.60 22.50
CA SER A 118 14.05 -4.11 22.56
C SER A 118 13.80 -3.32 23.84
N GLU A 119 14.34 -3.81 24.97
CA GLU A 119 14.16 -3.11 26.24
C GLU A 119 14.80 -1.72 26.21
N ARG A 120 16.09 -1.67 25.85
CA ARG A 120 16.78 -0.38 25.83
C ARG A 120 16.17 0.57 24.82
N LEU A 121 15.86 0.08 23.61
CA LEU A 121 15.34 0.96 22.57
C LEU A 121 13.99 1.54 22.97
N PHE A 122 13.16 0.75 23.67
CA PHE A 122 11.88 1.29 24.12
C PHE A 122 12.10 2.39 25.16
N ALA A 123 13.04 2.21 26.08
CA ALA A 123 13.31 3.24 27.07
C ALA A 123 13.71 4.55 26.42
N ASN A 124 14.69 4.50 25.50
CA ASN A 124 15.16 5.72 24.87
C ASN A 124 14.07 6.36 24.02
N LEU A 125 13.43 5.57 23.16
CA LEU A 125 12.44 6.12 22.25
C LEU A 125 11.22 6.65 23.00
N TRP A 126 10.73 5.91 23.99
CA TRP A 126 9.66 6.44 24.84
C TRP A 126 10.07 7.76 25.48
N GLY A 127 11.36 7.91 25.79
CA GLY A 127 11.84 9.18 26.31
C GLY A 127 11.82 10.27 25.25
N ARG A 128 12.25 9.95 24.02
CA ARG A 128 12.21 10.92 22.93
C ARG A 128 10.79 11.42 22.67
N LEU A 129 9.78 10.64 23.05
CA LEU A 129 8.39 10.99 22.78
C LEU A 129 7.70 11.67 23.95
N GLU A 130 8.38 11.82 25.08
CA GLU A 130 7.83 12.60 26.18
C GLU A 130 7.64 14.04 25.72
N GLY A 131 6.39 14.51 25.77
CA GLY A 131 6.06 15.85 25.35
C GLY A 131 5.43 15.94 23.97
N GLU A 132 5.58 14.89 23.14
CA GLU A 132 5.00 14.89 21.80
C GLU A 132 3.62 14.22 21.88
N GLU A 133 2.65 15.01 22.38
CA GLU A 133 1.36 14.44 22.74
C GLU A 133 0.57 13.94 21.54
N ARG A 134 0.72 14.59 20.38
CA ARG A 134 0.01 14.12 19.20
C ARG A 134 0.56 12.79 18.71
N LEU A 135 1.89 12.63 18.71
CA LEU A 135 2.48 11.35 18.33
C LEU A 135 2.13 10.26 19.32
N LEU A 136 2.12 10.58 20.62
CA LEU A 136 1.73 9.61 21.62
C LEU A 136 0.28 9.17 21.44
N TRP A 137 -0.60 10.10 21.05
CA TRP A 137 -1.97 9.73 20.76
C TRP A 137 -2.03 8.75 19.59
N LEU A 138 -1.32 9.05 18.49
CA LEU A 138 -1.29 8.14 17.35
C LEU A 138 -0.78 6.77 17.76
N TYR A 139 0.17 6.72 18.70
CA TYR A 139 0.74 5.44 19.11
C TYR A 139 -0.27 4.63 19.92
N ARG A 140 -0.89 5.25 20.92
CA ARG A 140 -1.79 4.52 21.80
C ARG A 140 -3.11 4.19 21.13
N GLU A 141 -3.60 5.08 20.27
CA GLU A 141 -4.95 4.97 19.73
C GLU A 141 -5.00 4.45 18.29
N VAL A 142 -3.86 4.39 17.59
CA VAL A 142 -3.86 3.93 16.21
C VAL A 142 -2.85 2.80 16.02
N GLU A 143 -1.56 3.11 16.10
CA GLU A 143 -0.54 2.17 15.63
C GLU A 143 -0.48 0.93 16.51
N ARG A 144 -0.34 1.08 17.82
CA ARG A 144 -0.23 -0.09 18.70
C ARG A 144 -1.46 -0.98 18.60
N PRO A 145 -2.69 -0.47 18.75
CA PRO A 145 -3.85 -1.35 18.54
C PRO A 145 -3.97 -1.87 17.13
N LEU A 146 -3.57 -1.08 16.13
CA LEU A 146 -3.63 -1.56 14.75
C LEU A 146 -2.74 -2.78 14.55
N SER A 147 -1.59 -2.82 15.21
CA SER A 147 -0.70 -3.97 15.06
C SER A 147 -1.42 -5.26 15.40
N ALA A 148 -2.31 -5.23 16.39
CA ALA A 148 -3.09 -6.42 16.73
C ALA A 148 -4.05 -6.79 15.60
N VAL A 149 -4.69 -5.79 14.99
CA VAL A 149 -5.60 -6.07 13.87
C VAL A 149 -4.83 -6.69 12.71
N LEU A 150 -3.67 -6.13 12.39
CA LEU A 150 -2.89 -6.64 11.26
C LEU A 150 -2.48 -8.09 11.49
N ALA A 151 -2.07 -8.43 12.70
CA ALA A 151 -1.66 -9.80 12.98
C ALA A 151 -2.78 -10.79 12.69
N HIS A 152 -4.01 -10.45 13.07
CA HIS A 152 -5.14 -11.33 12.77
C HIS A 152 -5.38 -11.41 11.26
N MET A 153 -5.34 -10.27 10.56
CA MET A 153 -5.50 -10.30 9.11
C MET A 153 -4.46 -11.18 8.46
N GLU A 154 -3.19 -11.02 8.85
CA GLU A 154 -2.12 -11.81 8.25
C GLU A 154 -2.33 -13.31 8.48
N ALA A 155 -2.74 -13.68 9.69
CA ALA A 155 -2.91 -15.09 10.03
C ALA A 155 -4.17 -15.70 9.44
N THR A 156 -5.15 -14.88 9.08
CA THR A 156 -6.39 -15.40 8.51
C THR A 156 -6.21 -15.80 7.04
N GLY A 157 -5.63 -14.91 6.24
CA GLY A 157 -5.42 -15.19 4.84
C GLY A 157 -6.67 -14.99 4.01
N VAL A 158 -6.54 -15.31 2.72
CA VAL A 158 -7.64 -15.17 1.77
C VAL A 158 -7.67 -16.41 0.88
N ARG A 159 -8.88 -16.86 0.55
CA ARG A 159 -9.06 -18.03 -0.31
C ARG A 159 -8.78 -17.66 -1.76
N LEU A 160 -8.20 -18.59 -2.50
CA LEU A 160 -7.82 -18.39 -3.89
C LEU A 160 -8.26 -19.61 -4.70
N ASP A 161 -8.75 -19.37 -5.92
CA ASP A 161 -9.17 -20.46 -6.80
C ASP A 161 -7.94 -20.93 -7.56
N VAL A 162 -7.24 -21.92 -6.99
CA VAL A 162 -5.97 -22.37 -7.54
C VAL A 162 -6.18 -23.02 -8.89
N ALA A 163 -7.09 -24.00 -8.98
CA ALA A 163 -7.29 -24.72 -10.23
C ALA A 163 -7.63 -23.75 -11.37
N TYR A 164 -8.39 -22.70 -11.05
CA TYR A 164 -8.75 -21.69 -12.02
C TYR A 164 -7.50 -21.01 -12.60
N LEU A 165 -6.55 -20.63 -11.73
CA LEU A 165 -5.36 -19.94 -12.21
C LEU A 165 -4.42 -20.88 -12.96
N ARG A 166 -4.31 -22.14 -12.52
CA ARG A 166 -3.51 -23.10 -13.28
C ARG A 166 -4.02 -23.23 -14.71
N ALA A 167 -5.33 -23.44 -14.86
CA ALA A 167 -5.94 -23.49 -16.19
C ALA A 167 -5.63 -22.22 -16.97
N LEU A 168 -5.77 -21.06 -16.31
CA LEU A 168 -5.55 -19.79 -17.00
C LEU A 168 -4.11 -19.66 -17.48
N SER A 169 -3.15 -20.18 -16.71
CA SER A 169 -1.74 -20.08 -17.09
C SER A 169 -1.49 -20.75 -18.44
N LEU A 170 -2.05 -21.94 -18.65
CA LEU A 170 -1.84 -22.63 -19.91
C LEU A 170 -2.48 -21.86 -21.06
N GLU A 171 -3.65 -21.26 -20.81
CA GLU A 171 -4.30 -20.45 -21.84
C GLU A 171 -3.47 -19.23 -22.19
N VAL A 172 -3.00 -18.50 -21.17
CA VAL A 172 -2.20 -17.30 -21.41
C VAL A 172 -0.89 -17.66 -22.08
N ALA A 173 -0.30 -18.80 -21.71
CA ALA A 173 0.95 -19.22 -22.32
C ALA A 173 0.80 -19.37 -23.83
N GLU A 174 -0.30 -19.97 -24.28
CA GLU A 174 -0.51 -20.16 -25.71
C GLU A 174 -0.65 -18.82 -26.43
N GLU A 175 -1.31 -17.85 -25.80
CA GLU A 175 -1.43 -16.53 -26.41
C GLU A 175 -0.08 -15.82 -26.45
N ILE A 176 0.75 -16.03 -25.43
CA ILE A 176 2.08 -15.41 -25.43
C ILE A 176 2.92 -15.93 -26.59
N ALA A 177 2.85 -17.24 -26.85
CA ALA A 177 3.65 -17.80 -27.94
C ALA A 177 3.22 -17.24 -29.28
N ARG A 178 1.92 -16.98 -29.46
CA ARG A 178 1.44 -16.42 -30.72
C ARG A 178 2.02 -15.02 -30.95
N LEU A 179 2.03 -14.19 -29.90
CA LEU A 179 2.60 -12.84 -30.03
C LEU A 179 4.10 -12.89 -30.22
N GLU A 180 4.78 -13.73 -29.43
CA GLU A 180 6.23 -13.88 -29.56
C GLU A 180 6.62 -14.29 -30.97
N ALA A 181 5.92 -15.27 -31.53
CA ALA A 181 6.24 -15.76 -32.87
C ALA A 181 6.10 -14.66 -33.91
N GLU A 182 5.12 -13.78 -33.75
CA GLU A 182 4.95 -12.71 -34.74
C GLU A 182 5.97 -11.61 -34.55
N VAL A 183 6.28 -11.24 -33.30
CA VAL A 183 7.32 -10.24 -33.05
C VAL A 183 8.62 -10.68 -33.72
N PHE A 184 8.99 -11.95 -33.54
CA PHE A 184 10.19 -12.47 -34.18
C PHE A 184 10.10 -12.34 -35.70
N ARG A 185 8.93 -12.66 -36.28
CA ARG A 185 8.78 -12.60 -37.72
C ARG A 185 9.01 -11.19 -38.23
N LEU A 186 8.41 -10.20 -37.57
CA LEU A 186 8.59 -8.81 -37.98
C LEU A 186 10.03 -8.36 -37.82
N ALA A 187 10.67 -8.76 -36.72
CA ALA A 187 12.08 -8.40 -36.51
C ALA A 187 13.01 -9.10 -37.48
N GLY A 188 12.54 -10.16 -38.15
CA GLY A 188 13.36 -10.92 -39.06
C GLY A 188 14.21 -11.99 -38.40
N HIS A 189 14.18 -12.09 -37.07
CA HIS A 189 15.01 -13.05 -36.35
C HIS A 189 14.49 -13.13 -34.91
N PRO A 190 14.86 -14.17 -34.18
CA PRO A 190 14.47 -14.27 -32.77
C PRO A 190 15.51 -13.67 -31.83
N PHE A 191 15.02 -13.31 -30.64
CA PHE A 191 15.86 -12.75 -29.59
C PHE A 191 15.06 -12.86 -28.29
N ASN A 192 15.69 -12.46 -27.18
CA ASN A 192 15.01 -12.51 -25.88
C ASN A 192 14.13 -11.27 -25.78
N LEU A 193 12.83 -11.45 -26.02
CA LEU A 193 11.88 -10.34 -25.97
C LEU A 193 11.73 -9.79 -24.55
N ASN A 194 12.19 -10.53 -23.53
CA ASN A 194 12.15 -10.05 -22.16
C ASN A 194 13.32 -9.13 -21.83
N SER A 195 14.38 -9.16 -22.63
CA SER A 195 15.54 -8.31 -22.41
C SER A 195 15.29 -6.97 -23.08
N ARG A 196 15.17 -5.91 -22.28
CA ARG A 196 14.95 -4.59 -22.85
C ARG A 196 16.18 -4.06 -23.57
N ASP A 197 17.38 -4.57 -23.26
CA ASP A 197 18.57 -4.18 -24.01
C ASP A 197 18.51 -4.73 -25.43
N GLN A 198 18.15 -6.01 -25.58
CA GLN A 198 18.01 -6.59 -26.91
C GLN A 198 16.89 -5.93 -27.68
N LEU A 199 15.77 -5.66 -27.00
CA LEU A 199 14.65 -4.99 -27.67
C LEU A 199 15.04 -3.59 -28.13
N GLU A 200 15.88 -2.90 -27.36
CA GLU A 200 16.29 -1.55 -27.74
C GLU A 200 16.96 -1.56 -29.12
N ARG A 201 17.91 -2.47 -29.32
CA ARG A 201 18.62 -2.54 -30.60
C ARG A 201 17.65 -2.79 -31.75
N VAL A 202 16.68 -3.68 -31.55
CA VAL A 202 15.78 -4.06 -32.64
C VAL A 202 14.95 -2.87 -33.08
N LEU A 203 14.33 -2.17 -32.13
CA LEU A 203 13.42 -1.09 -32.47
C LEU A 203 14.17 0.10 -33.07
N PHE A 204 15.29 0.48 -32.47
CA PHE A 204 15.93 1.76 -32.79
C PHE A 204 17.16 1.64 -33.69
N ASP A 205 17.80 0.47 -33.75
CA ASP A 205 18.95 0.28 -34.63
C ASP A 205 18.59 -0.53 -35.88
N GLU A 206 18.12 -1.76 -35.69
CA GLU A 206 17.75 -2.59 -36.83
C GLU A 206 16.59 -1.96 -37.59
N LEU A 207 15.42 -1.91 -36.95
CA LEU A 207 14.36 -1.06 -37.47
C LEU A 207 14.79 0.41 -37.35
N GLY A 208 14.05 1.28 -38.02
CA GLY A 208 14.44 2.68 -38.06
C GLY A 208 13.66 3.56 -37.10
N LEU A 209 13.07 2.96 -36.07
CA LEU A 209 12.16 3.70 -35.20
C LEU A 209 12.93 4.75 -34.41
N PRO A 210 12.32 5.91 -34.16
CA PRO A 210 13.00 6.97 -33.40
C PRO A 210 12.87 6.75 -31.90
N ALA A 211 13.97 6.96 -31.19
CA ALA A 211 13.95 6.92 -29.73
C ALA A 211 13.36 8.21 -29.19
N ILE A 212 12.46 8.09 -28.23
CA ILE A 212 11.73 9.25 -27.71
C ILE A 212 12.33 9.69 -26.38
N GLY A 213 12.87 8.75 -25.61
CA GLY A 213 13.39 9.06 -24.29
C GLY A 213 14.52 8.16 -23.89
N LYS A 214 15.25 8.60 -22.86
CA LYS A 214 16.36 7.86 -22.29
C LYS A 214 16.03 7.41 -20.88
N THR A 215 16.74 6.38 -20.42
CA THR A 215 16.53 5.87 -19.06
C THR A 215 17.33 6.70 -18.06
N GLU A 216 16.91 6.61 -16.80
CA GLU A 216 17.40 7.52 -15.76
C GLU A 216 18.88 7.27 -15.44
N LYS A 217 19.22 6.05 -15.01
CA LYS A 217 20.53 5.80 -14.42
C LYS A 217 21.60 5.59 -15.48
N THR A 218 21.27 4.91 -16.58
CA THR A 218 22.27 4.47 -17.54
C THR A 218 22.15 5.14 -18.90
N GLY A 219 21.11 5.93 -19.13
CA GLY A 219 21.01 6.69 -20.37
C GLY A 219 20.81 5.85 -21.61
N LYS A 220 20.15 4.70 -21.49
CA LYS A 220 19.81 3.91 -22.67
C LYS A 220 18.52 4.45 -23.28
N ARG A 221 18.26 4.04 -24.52
CA ARG A 221 17.04 4.43 -25.20
C ARG A 221 15.88 3.63 -24.62
N SER A 222 14.88 4.33 -24.09
CA SER A 222 13.82 3.68 -23.34
C SER A 222 12.87 2.90 -24.26
N THR A 223 12.35 1.80 -23.73
CA THR A 223 11.32 1.02 -24.40
C THR A 223 10.06 0.91 -23.54
N SER A 224 9.86 1.90 -22.67
CA SER A 224 8.72 1.88 -21.77
C SER A 224 7.41 2.02 -22.55
N ALA A 225 6.31 1.71 -21.85
CA ALA A 225 5.00 1.77 -22.48
C ALA A 225 4.71 3.14 -23.06
N ALA A 226 5.07 4.20 -22.32
CA ALA A 226 4.81 5.55 -22.81
C ALA A 226 5.57 5.83 -24.10
N VAL A 227 6.76 5.25 -24.25
CA VAL A 227 7.51 5.41 -25.50
C VAL A 227 6.87 4.60 -26.61
N LEU A 228 6.44 3.38 -26.31
CA LEU A 228 5.86 2.51 -27.33
C LEU A 228 4.49 3.01 -27.77
N GLU A 229 3.67 3.48 -26.83
CA GLU A 229 2.38 4.06 -27.20
C GLU A 229 2.56 5.24 -28.14
N ALA A 230 3.67 5.99 -27.99
CA ALA A 230 3.97 7.07 -28.91
C ALA A 230 4.41 6.56 -30.28
N LEU A 231 4.80 5.28 -30.38
CA LEU A 231 5.17 4.67 -31.65
C LEU A 231 4.17 3.60 -32.09
N ARG A 232 2.97 3.61 -31.52
CA ARG A 232 2.08 2.46 -31.68
C ARG A 232 1.67 2.24 -33.12
N GLU A 233 1.62 3.30 -33.92
CA GLU A 233 1.27 3.20 -35.33
C GLU A 233 2.41 3.59 -36.26
N ALA A 234 3.51 4.13 -35.73
CA ALA A 234 4.71 4.32 -36.52
C ALA A 234 5.30 3.00 -37.00
N HIS A 235 4.80 1.87 -36.49
CA HIS A 235 5.17 0.54 -36.95
C HIS A 235 4.28 -0.47 -36.23
N PRO A 236 3.76 -1.49 -36.92
CA PRO A 236 2.84 -2.42 -36.24
C PRO A 236 3.45 -3.18 -35.09
N ILE A 237 4.67 -3.69 -35.24
CA ILE A 237 5.32 -4.57 -34.26
C ILE A 237 5.11 -4.04 -32.84
N VAL A 238 5.11 -2.72 -32.68
CA VAL A 238 4.99 -2.12 -31.35
C VAL A 238 3.73 -2.64 -30.66
N GLU A 239 2.60 -2.63 -31.37
CA GLU A 239 1.35 -3.10 -30.80
C GLU A 239 1.49 -4.50 -30.22
N LYS A 240 2.16 -5.39 -30.94
CA LYS A 240 2.33 -6.76 -30.45
C LYS A 240 3.23 -6.79 -29.22
N ILE A 241 4.24 -5.92 -29.16
CA ILE A 241 5.11 -5.86 -27.99
C ILE A 241 4.33 -5.41 -26.76
N LEU A 242 3.40 -4.46 -26.94
CA LEU A 242 2.61 -3.97 -25.81
C LEU A 242 1.67 -5.06 -25.30
N GLN A 243 1.10 -5.87 -26.20
CA GLN A 243 0.27 -6.97 -25.76
C GLN A 243 1.10 -8.06 -25.11
N TYR A 244 2.29 -8.33 -25.66
CA TYR A 244 3.20 -9.28 -25.04
C TYR A 244 3.57 -8.84 -23.62
N ARG A 245 3.91 -7.55 -23.45
CA ARG A 245 4.30 -7.06 -22.13
C ARG A 245 3.17 -7.23 -21.12
N GLU A 246 1.93 -6.91 -21.52
CA GLU A 246 0.81 -7.05 -20.60
C GLU A 246 0.67 -8.48 -20.11
N LEU A 247 0.74 -9.45 -21.03
CA LEU A 247 0.48 -10.84 -20.67
C LEU A 247 1.60 -11.42 -19.83
N THR A 248 2.86 -11.19 -20.24
CA THR A 248 3.98 -11.72 -19.47
C THR A 248 4.04 -11.09 -18.09
N LYS A 249 3.69 -9.81 -17.98
CA LYS A 249 3.63 -9.16 -16.68
C LYS A 249 2.67 -9.87 -15.74
N LEU A 250 1.45 -10.14 -16.21
CA LEU A 250 0.43 -10.72 -15.35
C LEU A 250 0.72 -12.19 -15.07
N LYS A 251 1.23 -12.92 -16.07
CA LYS A 251 1.52 -14.34 -15.86
C LYS A 251 2.66 -14.53 -14.86
N SER A 252 3.75 -13.78 -15.03
CA SER A 252 4.93 -13.97 -14.20
C SER A 252 4.78 -13.37 -12.81
N THR A 253 3.93 -12.36 -12.65
CA THR A 253 3.78 -11.72 -11.35
C THR A 253 2.62 -12.28 -10.53
N TYR A 254 1.53 -12.70 -11.16
CA TYR A 254 0.33 -13.12 -10.43
C TYR A 254 -0.09 -14.55 -10.74
N ILE A 255 -0.34 -14.88 -12.01
CA ILE A 255 -0.99 -16.14 -12.35
C ILE A 255 -0.15 -17.32 -11.88
N ASP A 256 1.18 -17.24 -12.03
CA ASP A 256 2.03 -18.39 -11.76
C ASP A 256 2.51 -18.43 -10.32
N PRO A 257 2.97 -17.31 -9.75
CA PRO A 257 3.51 -17.39 -8.37
C PRO A 257 2.45 -17.64 -7.32
N LEU A 258 1.27 -17.02 -7.44
CA LEU A 258 0.30 -17.04 -6.36
C LEU A 258 -0.18 -18.45 -6.01
N PRO A 259 -0.57 -19.30 -6.96
CA PRO A 259 -1.02 -20.65 -6.57
C PRO A 259 0.01 -21.42 -5.77
N ASP A 260 1.30 -21.18 -6.00
CA ASP A 260 2.34 -21.90 -5.27
C ASP A 260 2.54 -21.40 -3.84
N LEU A 261 1.81 -20.37 -3.41
CA LEU A 261 1.99 -19.78 -2.10
C LEU A 261 0.87 -20.14 -1.12
N ILE A 262 -0.01 -21.08 -1.47
CA ILE A 262 -1.07 -21.48 -0.55
C ILE A 262 -0.45 -22.20 0.63
N HIS A 263 -0.92 -21.85 1.84
CA HIS A 263 -0.34 -22.41 3.05
C HIS A 263 -0.95 -23.78 3.34
N PRO A 264 -0.14 -24.77 3.73
CA PRO A 264 -0.68 -26.13 3.88
C PRO A 264 -1.64 -26.29 5.05
N ARG A 265 -1.41 -25.60 6.17
CA ARG A 265 -2.30 -25.74 7.31
C ARG A 265 -3.62 -25.01 7.09
N THR A 266 -3.56 -23.82 6.48
CA THR A 266 -4.75 -22.99 6.32
C THR A 266 -5.46 -23.22 5.00
N GLY A 267 -4.74 -23.60 3.95
CA GLY A 267 -5.33 -23.67 2.63
C GLY A 267 -5.58 -22.34 1.99
N ARG A 268 -5.03 -21.25 2.54
CA ARG A 268 -5.30 -19.91 2.07
C ARG A 268 -4.00 -19.17 1.80
N LEU A 269 -4.12 -17.97 1.26
CA LEU A 269 -3.00 -17.15 0.85
C LEU A 269 -2.77 -16.06 1.89
N HIS A 270 -1.52 -15.88 2.32
CA HIS A 270 -1.19 -15.00 3.44
C HIS A 270 -0.17 -13.96 3.00
N THR A 271 -0.55 -12.68 3.11
CA THR A 271 0.34 -11.56 2.87
C THR A 271 0.87 -11.03 4.21
N ARG A 272 1.78 -10.06 4.11
CA ARG A 272 2.29 -9.33 5.26
C ARG A 272 1.93 -7.86 5.08
N PHE A 273 1.40 -7.26 6.15
CA PHE A 273 1.07 -5.84 6.13
C PHE A 273 2.13 -5.10 6.93
N ASN A 274 3.06 -4.46 6.20
CA ASN A 274 4.20 -3.81 6.81
C ASN A 274 3.78 -2.45 7.35
N GLN A 275 4.02 -2.23 8.64
CA GLN A 275 3.46 -1.09 9.35
C GLN A 275 4.40 0.11 9.42
N THR A 276 5.69 -0.08 9.14
CA THR A 276 6.68 1.00 9.18
C THR A 276 7.50 0.99 7.90
N ALA A 277 6.81 1.12 6.76
CA ALA A 277 7.44 0.95 5.46
C ALA A 277 7.31 2.13 4.51
N THR A 278 6.43 3.09 4.79
CA THR A 278 6.18 4.18 3.87
C THR A 278 6.42 5.53 4.56
N ALA A 279 6.69 6.54 3.73
CA ALA A 279 7.01 7.87 4.23
C ALA A 279 5.77 8.68 4.61
N THR A 280 4.57 8.21 4.25
CA THR A 280 3.35 8.99 4.42
C THR A 280 2.43 8.46 5.51
N GLY A 281 2.69 7.27 6.04
CA GLY A 281 1.80 6.65 7.00
C GLY A 281 0.96 5.54 6.42
N ARG A 282 1.00 5.34 5.11
CA ARG A 282 0.33 4.19 4.50
C ARG A 282 0.96 2.90 5.01
N LEU A 283 0.18 1.83 4.91
CA LEU A 283 0.71 0.48 5.00
C LEU A 283 1.33 0.09 3.66
N SER A 284 2.08 -1.01 3.68
CA SER A 284 2.46 -1.71 2.46
C SER A 284 2.18 -3.19 2.65
N SER A 285 2.27 -3.94 1.56
CA SER A 285 1.95 -5.36 1.54
C SER A 285 3.02 -6.10 0.76
N SER A 286 3.45 -7.25 1.25
CA SER A 286 4.53 -7.97 0.59
C SER A 286 4.45 -9.47 0.88
N ASP A 287 5.12 -10.24 0.01
CA ASP A 287 5.38 -11.66 0.19
C ASP A 287 4.10 -12.48 0.35
N PRO A 288 3.13 -12.38 -0.57
CA PRO A 288 3.11 -11.52 -1.75
C PRO A 288 2.36 -10.21 -1.54
N ASN A 289 2.61 -9.23 -2.39
CA ASN A 289 1.86 -7.98 -2.35
C ASN A 289 0.44 -8.23 -2.85
N LEU A 290 -0.54 -8.02 -1.98
CA LEU A 290 -1.94 -8.12 -2.35
C LEU A 290 -2.59 -6.75 -2.49
N GLN A 291 -1.80 -5.69 -2.54
CA GLN A 291 -2.29 -4.33 -2.78
C GLN A 291 -2.11 -3.88 -4.23
N ASN A 292 -1.61 -4.76 -5.10
CA ASN A 292 -1.48 -4.45 -6.52
C ASN A 292 -2.00 -5.60 -7.37
N ILE A 293 -3.07 -6.24 -6.93
CA ILE A 293 -3.72 -7.28 -7.75
C ILE A 293 -4.40 -6.62 -8.94
N PRO A 294 -4.26 -7.16 -10.16
CA PRO A 294 -4.83 -6.47 -11.33
C PRO A 294 -6.34 -6.26 -11.23
N VAL A 295 -6.80 -5.26 -11.98
CA VAL A 295 -8.23 -4.92 -12.01
C VAL A 295 -8.58 -4.12 -13.25
N ARG A 296 -7.57 -3.68 -14.01
CA ARG A 296 -7.80 -2.70 -15.06
C ARG A 296 -8.25 -3.36 -16.36
N THR A 297 -7.53 -4.39 -16.81
CA THR A 297 -7.76 -4.99 -18.12
C THR A 297 -8.65 -6.22 -18.00
N PRO A 298 -9.21 -6.69 -19.11
CA PRO A 298 -10.05 -7.91 -19.04
C PRO A 298 -9.31 -9.09 -18.44
N LEU A 299 -8.05 -9.30 -18.80
CA LEU A 299 -7.28 -10.40 -18.21
C LEU A 299 -7.02 -10.14 -16.74
N GLY A 300 -6.70 -8.90 -16.38
CA GLY A 300 -6.52 -8.56 -14.98
C GLY A 300 -7.73 -8.92 -14.14
N GLN A 301 -8.92 -8.69 -14.69
CA GLN A 301 -10.14 -9.02 -13.95
C GLN A 301 -10.31 -10.53 -13.79
N ARG A 302 -9.97 -11.30 -14.83
CA ARG A 302 -9.95 -12.76 -14.68
C ARG A 302 -9.06 -13.18 -13.52
N ILE A 303 -7.97 -12.45 -13.29
CA ILE A 303 -7.06 -12.79 -12.19
C ILE A 303 -7.70 -12.42 -10.85
N ARG A 304 -8.34 -11.25 -10.79
CA ARG A 304 -8.96 -10.81 -9.55
C ARG A 304 -10.12 -11.72 -9.15
N ARG A 305 -10.78 -12.36 -10.12
CA ARG A 305 -11.86 -13.27 -9.81
C ARG A 305 -11.39 -14.49 -9.03
N ALA A 306 -10.09 -14.76 -9.01
CA ALA A 306 -9.57 -15.92 -8.29
C ALA A 306 -9.63 -15.74 -6.77
N PHE A 307 -9.79 -14.51 -6.30
CA PHE A 307 -9.87 -14.23 -4.86
C PHE A 307 -11.33 -14.38 -4.44
N ILE A 308 -11.64 -15.45 -3.71
CA ILE A 308 -13.02 -15.87 -3.49
C ILE A 308 -13.27 -16.08 -1.99
N ALA A 309 -14.53 -16.28 -1.66
CA ALA A 309 -14.95 -16.51 -0.29
C ALA A 309 -14.97 -18.00 0.02
N GLU A 310 -14.69 -18.33 1.28
CA GLU A 310 -14.90 -19.68 1.76
C GLU A 310 -16.35 -20.09 1.53
N GLU A 311 -16.58 -21.39 1.37
CA GLU A 311 -17.93 -21.89 1.17
C GLU A 311 -18.80 -21.51 2.36
N GLY A 312 -19.98 -20.97 2.08
CA GLY A 312 -20.87 -20.49 3.11
C GLY A 312 -20.60 -19.07 3.56
N TRP A 313 -19.67 -18.37 2.91
CA TRP A 313 -19.34 -16.99 3.23
C TRP A 313 -19.42 -16.14 1.97
N LEU A 314 -19.28 -14.84 2.17
CA LEU A 314 -19.25 -13.87 1.07
C LEU A 314 -18.21 -12.82 1.36
N LEU A 315 -17.59 -12.29 0.30
CA LEU A 315 -16.68 -11.18 0.44
C LEU A 315 -17.45 -9.88 0.49
N VAL A 316 -16.97 -8.95 1.31
CA VAL A 316 -17.52 -7.60 1.40
C VAL A 316 -16.38 -6.62 1.17
N ALA A 317 -16.56 -5.71 0.22
CA ALA A 317 -15.52 -4.76 -0.17
C ALA A 317 -16.04 -3.33 0.00
N LEU A 318 -15.29 -2.53 0.75
CA LEU A 318 -15.65 -1.15 1.04
C LEU A 318 -14.51 -0.25 0.59
N ASP A 319 -14.85 0.84 -0.12
CA ASP A 319 -13.86 1.72 -0.73
C ASP A 319 -14.34 3.15 -0.61
N TYR A 320 -13.54 4.01 0.03
CA TYR A 320 -13.90 5.41 0.17
C TYR A 320 -14.01 6.07 -1.20
N SER A 321 -14.97 6.98 -1.33
CA SER A 321 -15.19 7.71 -2.58
C SER A 321 -14.28 8.94 -2.64
N GLN A 322 -13.54 9.07 -3.73
CA GLN A 322 -12.74 10.26 -4.02
C GLN A 322 -11.98 10.73 -2.78
N ILE A 323 -11.28 9.81 -2.13
CA ILE A 323 -10.93 10.02 -0.73
C ILE A 323 -10.00 11.22 -0.56
N GLU A 324 -8.86 11.23 -1.28
CA GLU A 324 -7.90 12.30 -1.05
C GLU A 324 -8.40 13.65 -1.53
N LEU A 325 -9.42 13.69 -2.40
CA LEU A 325 -10.06 14.97 -2.72
C LEU A 325 -10.88 15.48 -1.55
N ARG A 326 -11.64 14.60 -0.89
CA ARG A 326 -12.39 15.00 0.29
C ARG A 326 -11.44 15.46 1.40
N VAL A 327 -10.33 14.75 1.58
CA VAL A 327 -9.34 15.17 2.57
C VAL A 327 -8.81 16.56 2.25
N LEU A 328 -8.52 16.80 0.97
CA LEU A 328 -8.01 18.12 0.56
C LEU A 328 -8.99 19.23 0.92
N ALA A 329 -10.29 18.97 0.72
CA ALA A 329 -11.30 19.97 1.08
C ALA A 329 -11.19 20.35 2.54
N HIS A 330 -11.05 19.34 3.43
CA HIS A 330 -10.99 19.61 4.85
C HIS A 330 -9.69 20.31 5.24
N LEU A 331 -8.56 19.85 4.71
CA LEU A 331 -7.27 20.41 5.11
C LEU A 331 -7.12 21.85 4.62
N SER A 332 -7.64 22.14 3.43
CA SER A 332 -7.49 23.47 2.84
C SER A 332 -8.57 24.44 3.30
N GLY A 333 -9.75 23.95 3.64
CA GLY A 333 -10.86 24.83 3.95
C GLY A 333 -11.45 25.53 2.76
N ASP A 334 -11.29 24.96 1.56
CA ASP A 334 -11.80 25.58 0.35
C ASP A 334 -13.32 25.47 0.31
N GLU A 335 -14.01 26.61 0.36
CA GLU A 335 -15.47 26.60 0.32
C GLU A 335 -15.97 25.99 -0.98
N ASN A 336 -15.32 26.32 -2.11
CA ASN A 336 -15.78 25.82 -3.39
C ASN A 336 -15.73 24.30 -3.44
N LEU A 337 -14.66 23.70 -2.89
CA LEU A 337 -14.48 22.26 -2.99
C LEU A 337 -15.37 21.51 -2.01
N ILE A 338 -15.53 22.05 -0.80
CA ILE A 338 -16.46 21.47 0.17
C ILE A 338 -17.83 21.30 -0.47
N ARG A 339 -18.30 22.37 -1.13
CA ARG A 339 -19.62 22.33 -1.76
C ARG A 339 -19.74 21.21 -2.77
N VAL A 340 -18.65 20.87 -3.44
CA VAL A 340 -18.70 19.84 -4.49
C VAL A 340 -19.14 18.51 -3.91
N PHE A 341 -18.66 18.19 -2.70
CA PHE A 341 -19.03 16.93 -2.07
C PHE A 341 -20.33 17.01 -1.29
N GLN A 342 -20.71 18.21 -0.83
CA GLN A 342 -22.02 18.38 -0.21
C GLN A 342 -23.16 18.24 -1.22
N GLU A 343 -22.87 18.46 -2.51
CA GLU A 343 -23.82 18.23 -3.58
C GLU A 343 -23.72 16.83 -4.17
N GLY A 344 -22.86 15.97 -3.62
CA GLY A 344 -22.71 14.63 -4.14
C GLY A 344 -22.17 14.58 -5.55
N ARG A 345 -21.25 15.49 -5.89
CA ARG A 345 -20.64 15.48 -7.21
C ARG A 345 -19.49 14.47 -7.25
N ASP A 346 -19.05 14.16 -8.46
CA ASP A 346 -17.96 13.21 -8.67
C ASP A 346 -16.99 13.80 -9.69
N ILE A 347 -15.83 14.25 -9.22
CA ILE A 347 -14.87 14.92 -10.08
C ILE A 347 -14.23 13.95 -11.06
N HIS A 348 -14.04 12.69 -10.65
CA HIS A 348 -13.46 11.71 -11.56
C HIS A 348 -14.38 11.46 -12.74
N THR A 349 -15.69 11.35 -12.50
CA THR A 349 -16.65 11.20 -13.58
C THR A 349 -16.68 12.45 -14.46
N GLU A 350 -16.62 13.63 -13.83
CA GLU A 350 -16.65 14.88 -14.60
C GLU A 350 -15.43 14.99 -15.50
N THR A 351 -14.24 14.80 -14.94
CA THR A 351 -13.02 14.82 -15.76
C THR A 351 -13.09 13.77 -16.86
N ALA A 352 -13.64 12.60 -16.56
CA ALA A 352 -13.77 11.55 -17.56
C ALA A 352 -14.62 12.02 -18.73
N SER A 353 -15.77 12.61 -18.45
CA SER A 353 -16.62 13.14 -19.51
C SER A 353 -15.89 14.21 -20.30
N TRP A 354 -15.18 15.11 -19.60
CA TRP A 354 -14.39 16.13 -20.26
C TRP A 354 -13.36 15.50 -21.21
N MET A 355 -12.55 14.58 -20.68
CA MET A 355 -11.50 13.96 -21.48
C MET A 355 -12.07 13.31 -22.74
N PHE A 356 -13.12 12.50 -22.58
CA PHE A 356 -13.60 11.64 -23.66
C PHE A 356 -14.75 12.25 -24.45
N GLY A 357 -15.21 13.44 -24.08
CA GLY A 357 -16.28 14.11 -24.80
C GLY A 357 -17.54 13.26 -24.90
N VAL A 358 -17.97 12.68 -23.80
CA VAL A 358 -19.19 11.88 -23.77
C VAL A 358 -20.00 12.25 -22.54
N PRO A 359 -21.30 11.94 -22.54
CA PRO A 359 -22.12 12.24 -21.36
C PRO A 359 -21.74 11.35 -20.20
N ARG A 360 -21.99 11.86 -18.98
CA ARG A 360 -21.62 11.14 -17.77
C ARG A 360 -22.21 9.73 -17.74
N GLU A 361 -23.40 9.55 -18.30
CA GLU A 361 -24.01 8.23 -18.33
C GLU A 361 -23.19 7.24 -19.16
N ALA A 362 -22.29 7.73 -20.01
CA ALA A 362 -21.50 6.89 -20.90
C ALA A 362 -20.09 6.62 -20.38
N VAL A 363 -19.81 6.96 -19.12
CA VAL A 363 -18.46 6.81 -18.56
C VAL A 363 -18.35 5.40 -18.01
N ASP A 364 -17.63 4.55 -18.72
CA ASP A 364 -17.35 3.19 -18.26
C ASP A 364 -16.26 3.23 -17.20
N PRO A 365 -16.00 2.08 -16.54
CA PRO A 365 -14.93 2.08 -15.52
C PRO A 365 -13.56 2.43 -16.07
N LEU A 366 -13.19 1.92 -17.25
CA LEU A 366 -11.88 2.24 -17.80
C LEU A 366 -11.68 3.73 -17.97
N MET A 367 -12.74 4.45 -18.35
CA MET A 367 -12.64 5.89 -18.57
C MET A 367 -12.41 6.62 -17.24
N ARG A 368 -13.24 6.34 -16.24
CA ARG A 368 -13.07 7.00 -14.94
C ARG A 368 -11.70 6.69 -14.35
N ARG A 369 -11.19 5.47 -14.58
CA ARG A 369 -9.85 5.13 -14.12
C ARG A 369 -8.81 6.09 -14.68
N ALA A 370 -8.91 6.42 -15.97
CA ALA A 370 -7.96 7.35 -16.57
C ALA A 370 -8.14 8.77 -16.04
N ALA A 371 -9.37 9.14 -15.69
CA ALA A 371 -9.62 10.48 -15.17
C ALA A 371 -8.98 10.67 -13.79
N LYS A 372 -8.81 9.59 -13.04
CA LYS A 372 -8.18 9.69 -11.73
C LYS A 372 -6.71 10.08 -11.85
N THR A 373 -5.98 9.39 -12.72
CA THR A 373 -4.59 9.74 -12.94
C THR A 373 -4.45 11.22 -13.29
N ILE A 374 -5.36 11.72 -14.13
CA ILE A 374 -5.34 13.13 -14.50
C ILE A 374 -5.58 14.00 -13.27
N ASN A 375 -6.67 13.76 -12.56
CA ASN A 375 -7.04 14.61 -11.44
C ASN A 375 -5.96 14.63 -10.37
N PHE A 376 -5.37 13.47 -10.07
CA PHE A 376 -4.33 13.42 -9.05
C PHE A 376 -2.96 13.82 -9.61
N GLY A 377 -2.72 13.56 -10.89
CA GLY A 377 -1.52 14.05 -11.54
C GLY A 377 -1.45 15.56 -11.47
N VAL A 378 -2.49 16.23 -11.99
CA VAL A 378 -2.54 17.68 -11.94
C VAL A 378 -2.40 18.17 -10.51
N LEU A 379 -3.17 17.61 -9.59
CA LEU A 379 -3.18 18.09 -8.21
C LEU A 379 -1.77 18.10 -7.62
N TYR A 380 -1.05 17.00 -7.77
CA TYR A 380 0.25 16.84 -7.14
C TYR A 380 1.39 17.34 -8.02
N GLY A 381 1.09 18.11 -9.06
CA GLY A 381 2.08 18.93 -9.74
C GLY A 381 2.48 18.55 -11.16
N MET A 382 1.69 17.73 -11.85
CA MET A 382 2.05 17.38 -13.22
C MET A 382 2.28 18.63 -14.05
N SER A 383 3.20 18.54 -15.01
CA SER A 383 3.53 19.68 -15.86
C SER A 383 2.56 19.77 -17.03
N ALA A 384 2.35 21.00 -17.50
CA ALA A 384 1.46 21.23 -18.63
C ALA A 384 1.87 20.38 -19.83
N HIS A 385 3.17 20.36 -20.14
CA HIS A 385 3.64 19.63 -21.32
C HIS A 385 3.26 18.15 -21.23
N ARG A 386 3.58 17.49 -20.12
CA ARG A 386 3.24 16.09 -19.99
C ARG A 386 1.74 15.87 -20.08
N LEU A 387 0.95 16.76 -19.48
CA LEU A 387 -0.49 16.64 -19.58
C LEU A 387 -0.95 16.68 -21.02
N SER A 388 -0.37 17.58 -21.83
CA SER A 388 -0.68 17.61 -23.25
C SER A 388 -0.41 16.26 -23.91
N GLN A 389 0.70 15.63 -23.56
CA GLN A 389 1.08 14.37 -24.19
C GLN A 389 0.22 13.21 -23.70
N GLU A 390 -0.19 13.23 -22.43
CA GLU A 390 -1.03 12.16 -21.90
C GLU A 390 -2.42 12.19 -22.51
N LEU A 391 -2.94 13.38 -22.81
CA LEU A 391 -4.29 13.53 -23.34
C LEU A 391 -4.33 13.78 -24.84
N ALA A 392 -3.17 13.87 -25.49
CA ALA A 392 -3.10 14.13 -26.93
C ALA A 392 -3.87 15.39 -27.30
N ILE A 393 -3.47 16.49 -26.66
CA ILE A 393 -4.05 17.81 -26.92
C ILE A 393 -2.94 18.84 -26.86
N PRO A 394 -3.12 19.99 -27.54
CA PRO A 394 -2.04 20.98 -27.60
C PRO A 394 -1.61 21.44 -26.22
N TYR A 395 -0.43 22.07 -26.19
CA TYR A 395 0.11 22.57 -24.93
C TYR A 395 -0.81 23.61 -24.30
N GLU A 396 -1.38 24.50 -25.12
CA GLU A 396 -2.14 25.62 -24.60
C GLU A 396 -3.40 25.15 -23.87
N GLU A 397 -4.08 24.14 -24.42
CA GLU A 397 -5.25 23.61 -23.75
C GLU A 397 -4.90 23.00 -22.40
N ALA A 398 -3.69 22.45 -22.26
CA ALA A 398 -3.32 21.78 -21.03
C ALA A 398 -3.07 22.78 -19.91
N GLN A 399 -2.35 23.87 -20.20
CA GLN A 399 -2.20 24.94 -19.22
C GLN A 399 -3.56 25.39 -18.71
N ALA A 400 -4.53 25.48 -19.63
CA ALA A 400 -5.86 25.97 -19.25
C ALA A 400 -6.57 24.99 -18.32
N PHE A 401 -6.50 23.69 -18.63
CA PHE A 401 -7.08 22.71 -17.71
C PHE A 401 -6.49 22.85 -16.32
N ILE A 402 -5.16 22.88 -16.22
CA ILE A 402 -4.51 23.11 -14.93
C ILE A 402 -4.93 24.46 -14.37
N GLU A 403 -5.08 25.46 -15.23
CA GLU A 403 -5.53 26.77 -14.78
C GLU A 403 -6.96 26.70 -14.25
N ARG A 404 -7.87 26.08 -15.00
CA ARG A 404 -9.24 25.91 -14.52
C ARG A 404 -9.27 25.13 -13.22
N TYR A 405 -8.63 23.95 -13.22
CA TYR A 405 -8.62 23.06 -12.06
C TYR A 405 -8.39 23.82 -10.75
N PHE A 406 -7.37 24.66 -10.70
CA PHE A 406 -6.97 25.28 -9.43
C PHE A 406 -7.77 26.54 -9.14
N GLN A 407 -8.12 27.34 -10.16
CA GLN A 407 -8.91 28.54 -9.89
C GLN A 407 -10.31 28.17 -9.40
N SER A 408 -10.81 27.00 -9.78
CA SER A 408 -12.06 26.52 -9.21
C SER A 408 -11.99 26.41 -7.69
N PHE A 409 -10.80 26.27 -7.13
CA PHE A 409 -10.62 26.04 -5.69
C PHE A 409 -9.43 26.87 -5.22
N PRO A 410 -9.62 28.17 -5.01
CA PRO A 410 -8.46 29.04 -4.72
C PRO A 410 -7.70 28.68 -3.46
N LYS A 411 -8.41 28.30 -2.39
CA LYS A 411 -7.74 28.02 -1.12
C LYS A 411 -6.72 26.90 -1.21
N VAL A 412 -6.75 26.10 -2.30
CA VAL A 412 -5.85 24.96 -2.41
C VAL A 412 -4.40 25.40 -2.55
N ARG A 413 -4.12 26.28 -3.51
CA ARG A 413 -2.75 26.74 -3.69
C ARG A 413 -2.26 27.53 -2.48
N ALA A 414 -3.17 28.18 -1.76
CA ALA A 414 -2.78 28.84 -0.52
C ALA A 414 -2.37 27.82 0.53
N TRP A 415 -3.07 26.69 0.59
CA TRP A 415 -2.68 25.64 1.53
C TRP A 415 -1.37 24.99 1.09
N ILE A 416 -1.19 24.74 -0.21
CA ILE A 416 0.08 24.23 -0.71
C ILE A 416 1.21 25.12 -0.22
N GLU A 417 1.09 26.43 -0.44
CA GLU A 417 2.16 27.35 -0.08
C GLU A 417 2.35 27.41 1.43
N LYS A 418 1.26 27.34 2.19
CA LYS A 418 1.37 27.34 3.64
C LYS A 418 2.09 26.09 4.12
N THR A 419 1.73 24.93 3.56
CA THR A 419 2.39 23.68 3.93
C THR A 419 3.89 23.75 3.65
N LEU A 420 4.29 24.30 2.50
CA LEU A 420 5.70 24.36 2.15
C LEU A 420 6.46 25.31 3.08
N GLU A 421 5.86 26.46 3.40
CA GLU A 421 6.50 27.38 4.34
C GLU A 421 6.69 26.73 5.70
N GLU A 422 5.67 26.06 6.21
CA GLU A 422 5.81 25.33 7.47
C GLU A 422 6.91 24.28 7.38
N GLY A 423 6.98 23.57 6.25
CA GLY A 423 8.00 22.54 6.10
C GLY A 423 9.40 23.10 6.07
N ARG A 424 9.57 24.31 5.52
CA ARG A 424 10.89 24.92 5.49
C ARG A 424 11.29 25.44 6.86
N ARG A 425 10.33 25.83 7.70
CA ARG A 425 10.66 26.34 9.02
C ARG A 425 11.00 25.21 9.98
N ARG A 426 10.13 24.21 10.08
CA ARG A 426 10.30 23.12 11.03
C ARG A 426 11.06 21.93 10.46
N GLY A 427 11.20 21.85 9.14
CA GLY A 427 11.82 20.72 8.50
C GLY A 427 10.90 19.55 8.21
N TYR A 428 9.62 19.64 8.58
CA TYR A 428 8.70 18.54 8.35
C TYR A 428 7.30 19.07 8.06
N VAL A 429 6.52 18.24 7.39
CA VAL A 429 5.10 18.47 7.19
C VAL A 429 4.34 17.46 8.05
N GLU A 430 3.03 17.65 8.17
CA GLU A 430 2.27 16.79 9.07
C GLU A 430 0.85 16.60 8.56
N THR A 431 0.25 15.48 8.97
CA THR A 431 -1.13 15.15 8.66
C THR A 431 -2.06 15.85 9.63
N LEU A 432 -3.37 15.67 9.42
CA LEU A 432 -4.36 16.23 10.31
C LEU A 432 -4.13 15.78 11.75
N PHE A 433 -3.71 14.53 11.93
CA PHE A 433 -3.51 13.97 13.26
C PHE A 433 -2.11 14.21 13.80
N GLY A 434 -1.23 14.85 13.03
CA GLY A 434 0.11 15.16 13.50
C GLY A 434 1.19 14.17 13.10
N ARG A 435 0.89 13.22 12.22
CA ARG A 435 1.93 12.36 11.67
C ARG A 435 2.89 13.20 10.83
N ARG A 436 4.19 13.02 11.04
CA ARG A 436 5.20 13.88 10.44
C ARG A 436 5.98 13.15 9.35
N ARG A 437 6.39 13.91 8.34
CA ARG A 437 7.40 13.49 7.38
C ARG A 437 8.45 14.58 7.29
N TYR A 438 9.70 14.22 7.56
CA TYR A 438 10.79 15.18 7.45
C TYR A 438 11.23 15.32 6.01
N VAL A 439 11.32 16.56 5.54
CA VAL A 439 11.63 16.83 4.15
C VAL A 439 12.64 17.97 4.10
N PRO A 440 13.94 17.68 4.26
CA PRO A 440 14.93 18.75 4.36
C PRO A 440 15.31 19.39 3.03
N ASP A 441 15.04 18.73 1.91
CA ASP A 441 15.44 19.25 0.61
C ASP A 441 14.60 20.44 0.14
N LEU A 442 13.64 20.89 0.93
CA LEU A 442 12.79 22.01 0.51
C LEU A 442 13.58 23.28 0.27
N GLU A 443 14.78 23.40 0.83
CA GLU A 443 15.63 24.57 0.62
C GLU A 443 16.91 24.21 -0.12
N ALA A 444 16.89 23.13 -0.89
CA ALA A 444 18.03 22.77 -1.71
C ALA A 444 18.24 23.82 -2.81
N ARG A 445 19.51 24.05 -3.15
CA ARG A 445 19.84 25.04 -4.17
C ARG A 445 19.66 24.53 -5.59
N VAL A 446 19.57 23.23 -5.78
CA VAL A 446 19.31 22.64 -7.08
C VAL A 446 17.81 22.61 -7.30
N LYS A 447 17.35 23.26 -8.37
CA LYS A 447 15.92 23.44 -8.60
C LYS A 447 15.20 22.10 -8.65
N SER A 448 15.65 21.18 -9.50
CA SER A 448 14.96 19.90 -9.66
C SER A 448 14.85 19.17 -8.33
N VAL A 449 15.93 19.17 -7.54
CA VAL A 449 15.89 18.51 -6.24
C VAL A 449 14.91 19.21 -5.31
N ARG A 450 14.87 20.55 -5.38
CA ARG A 450 13.96 21.31 -4.52
C ARG A 450 12.51 21.07 -4.90
N GLU A 451 12.19 21.17 -6.20
CA GLU A 451 10.80 21.05 -6.61
C GLU A 451 10.29 19.62 -6.46
N ALA A 452 11.16 18.63 -6.49
CA ALA A 452 10.75 17.26 -6.18
C ALA A 452 10.37 17.14 -4.71
N ALA A 453 11.24 17.63 -3.82
CA ALA A 453 10.93 17.67 -2.40
C ALA A 453 9.59 18.37 -2.15
N GLU A 454 9.34 19.47 -2.87
CA GLU A 454 8.09 20.20 -2.70
C GLU A 454 6.89 19.34 -3.04
N ARG A 455 6.97 18.58 -4.14
CA ARG A 455 5.85 17.73 -4.52
C ARG A 455 5.65 16.60 -3.51
N MET A 456 6.73 16.01 -3.02
CA MET A 456 6.60 15.02 -1.95
C MET A 456 6.03 15.65 -0.69
N ALA A 457 6.40 16.91 -0.42
CA ALA A 457 6.06 17.53 0.86
C ALA A 457 4.57 17.76 0.99
N PHE A 458 3.95 18.44 0.02
CA PHE A 458 2.53 18.76 0.18
C PHE A 458 1.62 17.61 -0.24
N ASN A 459 2.17 16.52 -0.78
CA ASN A 459 1.38 15.31 -0.97
C ASN A 459 1.18 14.55 0.34
N MET A 460 2.20 14.54 1.19
CA MET A 460 2.16 13.70 2.39
C MET A 460 1.00 14.04 3.31
N PRO A 461 0.72 15.31 3.63
CA PRO A 461 -0.44 15.60 4.50
C PRO A 461 -1.74 15.07 3.95
N VAL A 462 -1.91 15.05 2.63
CA VAL A 462 -3.16 14.56 2.04
C VAL A 462 -3.21 13.04 2.10
N GLN A 463 -2.24 12.38 1.47
CA GLN A 463 -2.20 10.92 1.48
C GLN A 463 -2.11 10.38 2.90
N GLY A 464 -1.32 11.03 3.76
CA GLY A 464 -1.14 10.52 5.10
C GLY A 464 -2.39 10.66 5.96
N THR A 465 -3.13 11.75 5.79
CA THR A 465 -4.38 11.91 6.52
C THR A 465 -5.38 10.85 6.12
N ALA A 466 -5.53 10.60 4.82
CA ALA A 466 -6.39 9.53 4.35
C ALA A 466 -5.95 8.19 4.94
N ALA A 467 -4.64 7.97 5.02
CA ALA A 467 -4.14 6.73 5.62
C ALA A 467 -4.41 6.69 7.12
N ASP A 468 -4.29 7.84 7.79
CA ASP A 468 -4.64 7.90 9.21
C ASP A 468 -6.10 7.49 9.42
N LEU A 469 -7.00 8.04 8.61
CA LEU A 469 -8.42 7.75 8.76
C LEU A 469 -8.70 6.25 8.61
N MET A 470 -8.13 5.64 7.57
CA MET A 470 -8.36 4.22 7.33
C MET A 470 -7.86 3.39 8.50
N LYS A 471 -6.66 3.68 8.99
CA LYS A 471 -6.12 2.95 10.15
C LYS A 471 -7.08 3.05 11.34
N LEU A 472 -7.56 4.26 11.62
CA LEU A 472 -8.47 4.45 12.74
C LEU A 472 -9.76 3.66 12.54
N ALA A 473 -10.27 3.64 11.30
CA ALA A 473 -11.47 2.88 11.03
C ALA A 473 -11.24 1.39 11.27
N MET A 474 -10.11 0.87 10.80
CA MET A 474 -9.79 -0.54 11.03
C MET A 474 -9.76 -0.85 12.52
N VAL A 475 -9.18 0.05 13.32
CA VAL A 475 -9.10 -0.19 14.77
C VAL A 475 -10.49 -0.25 15.38
N LYS A 476 -11.38 0.65 14.95
CA LYS A 476 -12.74 0.66 15.49
C LYS A 476 -13.56 -0.50 14.96
N LEU A 477 -13.39 -0.85 13.70
CA LEU A 477 -14.27 -1.82 13.05
C LEU A 477 -13.97 -3.25 13.50
N PHE A 478 -12.70 -3.57 13.74
CA PHE A 478 -12.31 -4.95 14.01
C PHE A 478 -13.11 -5.61 15.14
N PRO A 479 -13.19 -5.04 16.34
CA PRO A 479 -13.93 -5.73 17.41
C PRO A 479 -15.41 -5.89 17.10
N ARG A 480 -15.99 -4.97 16.34
CA ARG A 480 -17.37 -5.13 15.93
C ARG A 480 -17.54 -6.35 15.03
N LEU A 481 -16.54 -6.62 14.19
CA LEU A 481 -16.64 -7.76 13.27
C LEU A 481 -16.53 -9.08 14.02
N GLU A 482 -15.64 -9.16 15.02
CA GLU A 482 -15.50 -10.38 15.80
C GLU A 482 -16.83 -10.75 16.46
N GLU A 483 -17.54 -9.75 16.99
CA GLU A 483 -18.81 -10.01 17.66
C GLU A 483 -19.90 -10.47 16.69
N MET A 484 -19.72 -10.24 15.39
CA MET A 484 -20.66 -10.69 14.37
C MET A 484 -20.20 -11.95 13.66
N GLY A 485 -19.04 -12.49 14.02
CA GLY A 485 -18.53 -13.67 13.36
C GLY A 485 -17.96 -13.42 11.97
N ALA A 486 -17.49 -12.20 11.71
CA ALA A 486 -16.92 -11.84 10.42
C ALA A 486 -15.43 -11.63 10.56
N ARG A 487 -14.75 -11.55 9.40
CA ARG A 487 -13.31 -11.46 9.33
C ARG A 487 -12.90 -10.23 8.52
N MET A 488 -11.80 -9.61 8.92
CA MET A 488 -11.14 -8.57 8.13
C MET A 488 -9.97 -9.22 7.39
N LEU A 489 -9.97 -9.11 6.07
CA LEU A 489 -9.03 -9.86 5.24
C LEU A 489 -7.92 -8.99 4.66
N LEU A 490 -8.28 -7.90 3.97
CA LEU A 490 -7.29 -7.08 3.27
C LEU A 490 -7.58 -5.62 3.48
N GLN A 491 -6.51 -4.82 3.40
CA GLN A 491 -6.59 -3.37 3.29
C GLN A 491 -5.80 -2.94 2.07
N VAL A 492 -6.41 -2.15 1.21
CA VAL A 492 -5.73 -1.62 0.03
C VAL A 492 -5.79 -0.10 0.08
N HIS A 493 -5.13 0.47 1.08
CA HIS A 493 -4.94 1.91 1.23
C HIS A 493 -6.23 2.61 1.65
N ASP A 494 -7.24 2.64 0.78
CA ASP A 494 -8.53 3.24 1.11
C ASP A 494 -9.67 2.24 0.98
N GLU A 495 -9.35 0.95 0.99
CA GLU A 495 -10.33 -0.11 0.77
C GLU A 495 -10.11 -1.22 1.81
N LEU A 496 -11.20 -1.84 2.21
CA LEU A 496 -11.17 -3.02 3.07
C LEU A 496 -11.94 -4.14 2.41
N VAL A 497 -11.40 -5.35 2.51
CA VAL A 497 -12.09 -6.56 2.06
C VAL A 497 -12.34 -7.42 3.29
N LEU A 498 -13.60 -7.75 3.53
CA LEU A 498 -14.00 -8.59 4.65
C LEU A 498 -14.55 -9.91 4.15
N GLU A 499 -14.70 -10.85 5.07
CA GLU A 499 -15.34 -12.13 4.83
C GLU A 499 -16.40 -12.33 5.91
N ALA A 500 -17.62 -12.66 5.50
CA ALA A 500 -18.71 -12.77 6.46
C ALA A 500 -19.61 -13.95 6.13
N PRO A 501 -20.17 -14.61 7.14
CA PRO A 501 -21.18 -15.65 6.86
C PRO A 501 -22.30 -15.08 6.01
N LYS A 502 -22.84 -15.94 5.14
CA LYS A 502 -23.82 -15.49 4.16
C LYS A 502 -25.02 -14.81 4.82
N GLU A 503 -25.47 -15.35 5.94
CA GLU A 503 -26.67 -14.81 6.60
C GLU A 503 -26.39 -13.56 7.42
N ARG A 504 -25.12 -13.22 7.66
CA ARG A 504 -24.76 -11.97 8.30
C ARG A 504 -24.06 -11.00 7.34
N ALA A 505 -23.94 -11.37 6.07
CA ALA A 505 -23.17 -10.54 5.13
C ALA A 505 -23.77 -9.15 5.00
N GLU A 506 -25.10 -9.07 4.82
CA GLU A 506 -25.73 -7.76 4.62
C GLU A 506 -25.56 -6.88 5.85
N ALA A 507 -25.76 -7.44 7.04
CA ALA A 507 -25.59 -6.66 8.28
C ALA A 507 -24.16 -6.15 8.39
N VAL A 508 -23.18 -6.99 8.07
CA VAL A 508 -21.78 -6.59 8.18
C VAL A 508 -21.48 -5.42 7.24
N ALA A 509 -22.02 -5.46 6.02
CA ALA A 509 -21.75 -4.39 5.06
C ALA A 509 -22.30 -3.06 5.55
N ARG A 510 -23.55 -3.05 6.03
CA ARG A 510 -24.13 -1.83 6.58
C ARG A 510 -23.28 -1.29 7.72
N LEU A 511 -22.91 -2.16 8.66
CA LEU A 511 -22.18 -1.71 9.83
C LEU A 511 -20.80 -1.17 9.44
N ALA A 512 -20.07 -1.92 8.61
CA ALA A 512 -18.74 -1.49 8.21
C ALA A 512 -18.79 -0.15 7.49
N LYS A 513 -19.76 0.03 6.60
CA LYS A 513 -19.94 1.31 5.92
C LYS A 513 -20.08 2.45 6.92
N GLU A 514 -20.98 2.29 7.90
CA GLU A 514 -21.21 3.35 8.89
C GLU A 514 -19.94 3.66 9.67
N VAL A 515 -19.24 2.62 10.14
CA VAL A 515 -18.03 2.83 10.91
C VAL A 515 -17.03 3.64 10.11
N MET A 516 -16.80 3.25 8.86
CA MET A 516 -15.78 3.91 8.05
C MET A 516 -16.14 5.35 7.73
N GLU A 517 -17.43 5.63 7.57
CA GLU A 517 -17.85 6.99 7.21
C GLU A 517 -17.82 7.94 8.39
N GLY A 518 -18.15 7.45 9.59
CA GLY A 518 -18.16 8.29 10.77
C GLY A 518 -16.93 8.15 11.63
N VAL A 519 -15.84 7.65 11.04
CA VAL A 519 -14.62 7.38 11.81
C VAL A 519 -14.13 8.66 12.47
N TYR A 520 -14.08 9.76 11.73
CA TYR A 520 -13.59 11.04 12.23
C TYR A 520 -14.19 12.14 11.35
N PRO A 521 -15.38 12.62 11.69
CA PRO A 521 -16.09 13.53 10.78
C PRO A 521 -15.23 14.71 10.37
N LEU A 522 -15.33 15.08 9.10
CA LEU A 522 -14.61 16.20 8.52
C LEU A 522 -15.63 17.27 8.12
N ALA A 523 -15.13 18.32 7.46
CA ALA A 523 -16.01 19.36 6.92
C ALA A 523 -16.74 18.89 5.66
N VAL A 524 -16.43 17.70 5.16
CA VAL A 524 -17.17 17.10 4.05
C VAL A 524 -17.57 15.69 4.44
N PRO A 525 -18.69 15.18 3.93
CA PRO A 525 -19.09 13.81 4.28
C PRO A 525 -18.17 12.80 3.60
N LEU A 526 -17.71 11.82 4.36
CA LEU A 526 -17.02 10.68 3.78
C LEU A 526 -18.07 9.70 3.25
N GLU A 527 -17.95 9.35 1.98
CA GLU A 527 -18.88 8.45 1.31
C GLU A 527 -18.14 7.17 0.97
N VAL A 528 -18.74 6.03 1.28
CA VAL A 528 -18.11 4.72 1.07
C VAL A 528 -18.99 3.90 0.14
N GLU A 529 -18.37 3.33 -0.90
CA GLU A 529 -19.04 2.36 -1.76
C GLU A 529 -18.78 0.96 -1.24
N VAL A 530 -19.83 0.14 -1.16
CA VAL A 530 -19.71 -1.21 -0.63
C VAL A 530 -20.40 -2.18 -1.58
N GLY A 531 -19.84 -3.39 -1.69
CA GLY A 531 -20.42 -4.43 -2.50
C GLY A 531 -20.16 -5.80 -1.90
N ILE A 532 -20.98 -6.77 -2.31
CA ILE A 532 -20.94 -8.13 -1.79
C ILE A 532 -20.93 -9.11 -2.95
N GLY A 533 -20.10 -10.13 -2.86
CA GLY A 533 -20.03 -11.14 -3.90
C GLY A 533 -19.21 -12.33 -3.47
N GLU A 534 -19.29 -13.39 -4.28
CA GLU A 534 -18.49 -14.59 -4.05
C GLU A 534 -17.01 -14.39 -4.40
N ASP A 535 -16.66 -13.32 -5.10
CA ASP A 535 -15.27 -13.05 -5.44
C ASP A 535 -15.01 -11.55 -5.40
N TRP A 536 -13.71 -11.21 -5.36
CA TRP A 536 -13.30 -9.83 -5.15
C TRP A 536 -13.83 -8.90 -6.24
N LEU A 537 -13.84 -9.38 -7.48
CA LEU A 537 -14.35 -8.55 -8.58
C LEU A 537 -15.85 -8.33 -8.44
N SER A 538 -16.60 -9.38 -8.09
CA SER A 538 -18.04 -9.24 -7.93
C SER A 538 -18.40 -8.24 -6.85
N ALA A 539 -17.55 -8.09 -5.83
CA ALA A 539 -17.87 -7.29 -4.66
C ALA A 539 -17.60 -5.79 -4.85
N LYS A 540 -17.24 -5.35 -6.06
CA LYS A 540 -17.07 -3.93 -6.33
C LYS A 540 -17.87 -3.52 -7.55
N1 DOC B 12 -3.12 3.41 -5.82
C2 DOC B 12 -2.15 4.47 -5.82
N3 DOC B 12 -1.59 4.93 -7.11
C4 DOC B 12 -1.96 4.39 -8.24
C5 DOC B 12 -2.99 3.27 -8.24
C6 DOC B 12 -3.53 2.83 -7.02
O2 DOC B 12 -1.76 5.04 -4.64
N4 DOC B 12 -1.39 4.84 -9.48
C1' DOC B 12 -3.69 2.90 -4.58
C2' DOC B 12 -4.84 3.75 -4.11
C3' DOC B 12 -6.06 2.90 -4.44
C4' DOC B 12 -5.48 1.50 -4.42
O4' DOC B 12 -4.11 1.62 -4.75
C5' DOC B 12 -6.07 0.53 -5.32
O5' DOC B 12 -6.06 0.99 -6.67
P DOC B 12 -6.52 -0.03 -7.77
OP1 DOC B 12 -7.88 -0.67 -7.30
OP2 DOC B 12 -6.71 0.68 -9.08
H5 DOC B 12 -3.27 2.87 -9.06
H6 DOC B 12 -4.21 2.11 -7.01
HN41 DOC B 12 -0.77 5.56 -9.48
HN42 DOC B 12 -1.62 4.41 -10.30
H1' DOC B 12 -2.95 2.98 -3.84
H2' DOC B 12 -4.87 4.60 -4.60
H2'' DOC B 12 -4.79 3.92 -3.14
H3'1 DOC B 12 -6.41 3.12 -5.34
H3'2 DOC B 12 -6.76 3.01 -3.76
H4' DOC B 12 -5.58 1.14 -3.53
H5' DOC B 12 -6.96 0.36 -5.05
H5'' DOC B 12 -5.57 -0.28 -5.26
PG DTP D . -12.98 6.24 -6.05
O1G DTP D . -12.76 5.32 -4.89
O2G DTP D . -14.22 7.12 -5.92
O3G DTP D . -13.06 5.49 -7.38
PB DTP D . -10.52 7.50 -5.19
O1B DTP D . -10.82 7.14 -3.79
O2B DTP D . -10.07 8.95 -5.38
O3B DTP D . -11.75 7.25 -6.17
PA DTP D . -8.80 5.18 -5.36
O1A DTP D . -9.69 4.51 -4.38
O2A DTP D . -8.49 4.36 -6.60
O3A DTP D . -9.41 6.57 -5.83
O5' DTP D . -7.42 5.61 -4.71
C5' DTP D . -7.31 6.07 -3.34
C4' DTP D . -6.46 7.31 -3.30
O4' DTP D . -5.14 7.02 -3.80
C3' DTP D . -6.94 8.48 -4.16
O3' DTP D . -7.91 9.27 -3.47
C2' DTP D . -5.66 9.27 -4.36
C1' DTP D . -4.59 8.19 -4.41
N9 DTP D . -4.17 7.84 -5.76
C8 DTP D . -4.72 6.92 -6.61
N7 DTP D . -4.23 6.93 -7.81
C5 DTP D . -3.28 7.94 -7.77
C6 DTP D . -2.42 8.49 -8.73
N6 DTP D . -2.40 8.11 -10.01
N1 DTP D . -1.59 9.49 -8.35
C2 DTP D . -1.64 9.91 -7.09
N3 DTP D . -2.42 9.48 -6.09
C4 DTP D . -3.22 8.50 -6.50
H5'1 DTP D . -6.89 5.30 -2.72
H5'2 DTP D . -8.31 6.29 -2.95
H4' DTP D . -6.34 7.63 -2.26
H3' DTP D . -7.37 8.12 -5.09
HO3' DTP D . -8.59 9.54 -4.14
H2'1 DTP D . -5.47 9.99 -3.57
H2'2 DTP D . -5.66 9.87 -5.27
H1' DTP D . -3.72 8.40 -3.79
H8 DTP D . -5.50 6.22 -6.29
HN61 DTP D . -1.77 8.52 -10.68
HN62 DTP D . -3.03 7.38 -10.35
H2 DTP D . -0.94 10.72 -6.85
MG MG E . -9.52 2.21 -3.49
MN MN F . -11.43 5.19 -3.18
C1 EDO G . 22.06 -14.48 -13.34
O1 EDO G . 22.63 -13.38 -14.06
C2 EDO G . 20.54 -14.35 -13.36
O2 EDO G . 20.09 -14.04 -12.04
H11 EDO G . 22.36 -15.42 -13.81
H12 EDO G . 22.42 -14.48 -12.31
HO1 EDO G . 23.39 -13.04 -13.57
H21 EDO G . 20.24 -13.56 -14.06
H22 EDO G . 20.09 -15.29 -13.70
HO2 EDO G . 19.20 -14.41 -11.90
#